data_6ON4
#
_entry.id   6ON4
#
_cell.length_a   39.771
_cell.length_b   87.846
_cell.length_c   73.869
_cell.angle_alpha   90.000
_cell.angle_beta   103.000
_cell.angle_gamma   90.000
#
_symmetry.space_group_name_H-M   'P 1 21 1'
#
loop_
_entity.id
_entity.type
_entity.pdbx_description
1 polymer 'HTH-type transcriptional repressor NanR'
2 non-polymer 'N-acetyl-beta-neuraminic acid'
3 non-polymer 'ZINC ION'
4 non-polymer 'polyethylene glycol'
5 water water
#
_entity_poly.entity_id   1
_entity_poly.type   'polypeptide(L)'
_entity_poly.pdbx_seq_one_letter_code
;MGLMNAFDSQTEDSSPAIGRNLRSRPLARKKLSEMVEEELEQMIRRREFGEGEQLPSERELMAFFNVGRPSVREALAALK
RKGLVQINNGERARVSRPSADTIIGELSGMAKDFLSHPGGIAHFEQLRLFFESSLVRYAAEHATDEQIDLLAKALEINSQ
SLDNNAAFIRSDVDFHRVLAEIPGNPIFMAIHVALLDWLIAARPTVTDQALHEHNNVSYQQHIAIVDAIRRHDPDEADRA
LQSHLNSVSATWHAFGQTTNKKK
;
_entity_poly.pdbx_strand_id   A,B
#
loop_
_chem_comp.id
_chem_comp.type
_chem_comp.name
_chem_comp.formula
P4K non-polymer 'polyethylene glycol' 'C30 H62 O15'
SLB D-saccharide, beta linking 'N-acetyl-beta-neuraminic acid' 'C11 H19 N O9'
ZN non-polymer 'ZINC ION' 'Zn 2'
#
# COMPACT_ATOMS: atom_id res chain seq x y z
N LYS A 30 -7.45 17.94 15.76
CA LYS A 30 -8.02 19.26 15.99
C LYS A 30 -9.23 19.19 16.93
N LYS A 31 -10.33 18.56 16.48
CA LYS A 31 -11.53 18.52 17.32
C LYS A 31 -11.28 17.77 18.62
N LEU A 32 -11.97 18.21 19.67
CA LEU A 32 -11.91 17.51 20.96
C LEU A 32 -12.29 16.04 20.78
N SER A 33 -13.31 15.76 19.96
CA SER A 33 -13.72 14.37 19.78
C SER A 33 -12.60 13.54 19.15
N GLU A 34 -11.86 14.13 18.20
CA GLU A 34 -10.74 13.45 17.56
C GLU A 34 -9.61 13.20 18.56
N MET A 35 -9.39 14.15 19.47
CA MET A 35 -8.39 13.95 20.52
C MET A 35 -8.80 12.77 21.40
N VAL A 36 -10.08 12.69 21.76
CA VAL A 36 -10.58 11.56 22.55
C VAL A 36 -10.48 10.28 21.74
N GLU A 37 -10.77 10.37 20.44
CA GLU A 37 -10.66 9.19 19.57
C GLU A 37 -9.24 8.67 19.55
N GLU A 38 -8.27 9.55 19.28
CA GLU A 38 -6.90 9.10 19.14
C GLU A 38 -6.38 8.51 20.45
N GLU A 39 -6.63 9.17 21.57
CA GLU A 39 -6.12 8.64 22.82
C GLU A 39 -6.78 7.30 23.16
N LEU A 40 -8.09 7.17 22.91
CA LEU A 40 -8.77 5.91 23.16
C LEU A 40 -8.24 4.80 22.25
N GLU A 41 -7.98 5.13 20.97
CA GLU A 41 -7.42 4.11 20.07
C GLU A 41 -6.07 3.64 20.58
N GLN A 42 -5.20 4.59 20.94
CA GLN A 42 -3.88 4.22 21.46
C GLN A 42 -4.02 3.37 22.71
N MET A 43 -4.96 3.71 23.58
CA MET A 43 -5.21 2.91 24.76
C MET A 43 -5.70 1.52 24.40
N ILE A 44 -6.54 1.40 23.36
CA ILE A 44 -6.97 0.08 22.92
C ILE A 44 -5.80 -0.71 22.35
N ARG A 45 -4.98 -0.06 21.51
CA ARG A 45 -3.88 -0.78 20.86
C ARG A 45 -2.76 -1.16 21.83
N ARG A 46 -2.55 -0.35 22.87
CA ARG A 46 -1.60 -0.69 23.92
C ARG A 46 -2.16 -1.74 24.88
N ARG A 47 -3.36 -2.23 24.63
CA ARG A 47 -4.02 -3.18 25.53
C ARG A 47 -4.22 -2.60 26.93
N GLU A 48 -4.23 -1.26 27.04
CA GLU A 48 -4.65 -0.62 28.29
C GLU A 48 -6.10 -0.94 28.59
N PHE A 49 -6.86 -1.33 27.56
CA PHE A 49 -8.09 -2.09 27.67
C PHE A 49 -7.86 -3.34 26.84
N GLY A 50 -8.22 -4.50 27.38
CA GLY A 50 -7.95 -5.72 26.65
C GLY A 50 -8.82 -5.87 25.42
N GLU A 51 -9.02 -7.09 24.95
CA GLU A 51 -9.93 -7.37 23.86
C GLU A 51 -11.17 -8.07 24.41
N GLY A 52 -12.33 -7.41 24.28
CA GLY A 52 -13.60 -7.99 24.66
C GLY A 52 -14.28 -7.32 25.85
N GLU A 53 -13.50 -6.68 26.74
CA GLU A 53 -14.10 -6.00 27.89
C GLU A 53 -14.84 -4.74 27.45
N GLN A 54 -15.69 -4.27 28.35
CA GLN A 54 -16.47 -3.06 28.13
C GLN A 54 -15.58 -1.85 28.34
N LEU A 55 -15.69 -0.87 27.46
CA LEU A 55 -15.10 0.42 27.73
C LEU A 55 -15.84 1.05 28.91
N PRO A 56 -15.20 1.93 29.66
CA PRO A 56 -15.94 2.64 30.71
C PRO A 56 -17.15 3.36 30.09
N SER A 57 -18.12 3.66 30.94
CA SER A 57 -19.34 4.29 30.44
C SER A 57 -19.04 5.69 29.88
N GLU A 58 -20.02 6.23 29.15
CA GLU A 58 -19.87 7.58 28.64
C GLU A 58 -19.58 8.55 29.77
N ARG A 59 -20.30 8.42 30.88
CA ARG A 59 -20.10 9.31 32.02
C ARG A 59 -18.67 9.20 32.54
N GLU A 60 -18.16 7.97 32.69
CA GLU A 60 -16.77 7.80 33.10
C GLU A 60 -15.82 8.41 32.09
N LEU A 61 -16.09 8.22 30.79
CA LEU A 61 -15.21 8.77 29.77
C LEU A 61 -15.18 10.29 29.78
N MET A 62 -16.34 10.92 30.03
CA MET A 62 -16.39 12.39 30.11
C MET A 62 -15.49 12.92 31.21
N ALA A 63 -15.53 12.30 32.39
CA ALA A 63 -14.66 12.71 33.50
C ALA A 63 -13.21 12.39 33.21
N PHE A 64 -12.96 11.24 32.59
CA PHE A 64 -11.60 10.82 32.30
C PHE A 64 -10.89 11.80 31.39
N PHE A 65 -11.63 12.39 30.45
CA PHE A 65 -11.09 13.33 29.47
C PHE A 65 -11.54 14.77 29.69
N ASN A 66 -12.51 15.03 30.56
CA ASN A 66 -13.03 16.38 30.79
C ASN A 66 -13.59 17.00 29.51
N VAL A 67 -14.49 16.27 28.85
CA VAL A 67 -15.19 16.75 27.67
C VAL A 67 -16.67 16.43 27.86
N GLY A 68 -17.50 17.02 26.99
CA GLY A 68 -18.91 16.78 27.07
C GLY A 68 -19.32 15.45 26.43
N ARG A 69 -20.56 15.05 26.71
CA ARG A 69 -21.06 13.81 26.12
C ARG A 69 -21.05 13.81 24.59
N PRO A 70 -21.40 14.90 23.90
CA PRO A 70 -21.29 14.87 22.44
C PRO A 70 -19.91 14.50 21.93
N SER A 71 -18.83 14.99 22.54
CA SER A 71 -17.49 14.60 22.10
C SER A 71 -17.23 13.11 22.31
N VAL A 72 -17.67 12.56 23.45
CA VAL A 72 -17.47 11.13 23.70
C VAL A 72 -18.23 10.29 22.67
N ARG A 73 -19.50 10.64 22.39
CA ARG A 73 -20.29 9.91 21.40
C ARG A 73 -19.65 9.95 20.02
N GLU A 74 -19.17 11.12 19.59
CA GLU A 74 -18.49 11.17 18.30
C GLU A 74 -17.26 10.26 18.30
N ALA A 75 -16.49 10.29 19.40
CA ALA A 75 -15.28 9.46 19.45
C ALA A 75 -15.63 7.98 19.36
N LEU A 76 -16.62 7.55 20.16
CA LEU A 76 -17.02 6.15 20.13
C LEU A 76 -17.55 5.76 18.75
N ALA A 77 -18.29 6.66 18.10
CA ALA A 77 -18.77 6.35 16.75
C ALA A 77 -17.62 6.13 15.79
N ALA A 78 -16.56 6.94 15.90
CA ALA A 78 -15.40 6.73 15.05
C ALA A 78 -14.70 5.41 15.37
N LEU A 79 -14.58 5.07 16.65
CA LEU A 79 -13.96 3.81 17.03
C LEU A 79 -14.75 2.62 16.49
N LYS A 80 -16.08 2.72 16.52
CA LYS A 80 -16.92 1.68 15.92
C LYS A 80 -16.69 1.59 14.43
N ARG A 81 -16.63 2.75 13.75
CA ARG A 81 -16.37 2.75 12.32
C ARG A 81 -15.05 2.06 12.00
N LYS A 82 -14.03 2.28 12.84
CA LYS A 82 -12.69 1.71 12.70
C LYS A 82 -12.61 0.23 13.08
N GLY A 83 -13.67 -0.35 13.63
CA GLY A 83 -13.64 -1.74 14.06
C GLY A 83 -12.95 -1.96 15.39
N LEU A 84 -12.64 -0.89 16.12
CA LEU A 84 -11.95 -0.99 17.40
C LEU A 84 -12.92 -1.22 18.55
N VAL A 85 -14.22 -0.94 18.35
CA VAL A 85 -15.24 -1.30 19.34
C VAL A 85 -16.46 -1.81 18.61
N GLN A 86 -17.23 -2.61 19.32
CA GLN A 86 -18.52 -3.14 18.88
C GLN A 86 -19.62 -2.49 19.71
N ILE A 87 -20.66 -1.97 19.06
CA ILE A 87 -21.82 -1.42 19.74
C ILE A 87 -23.03 -1.96 18.98
N ASN A 88 -23.76 -2.87 19.62
CA ASN A 88 -24.92 -3.51 19.00
C ASN A 88 -26.16 -3.22 19.82
N ASN A 89 -27.30 -3.10 19.13
CA ASN A 89 -28.61 -2.94 19.75
C ASN A 89 -28.57 -1.99 20.94
N GLY A 90 -27.87 -0.87 20.78
CA GLY A 90 -27.80 0.17 21.80
C GLY A 90 -27.12 -0.19 23.10
N GLU A 91 -26.20 -1.17 23.08
CA GLU A 91 -25.46 -1.57 24.26
C GLU A 91 -24.31 -0.60 24.56
N ARG A 92 -23.47 -0.97 25.52
CA ARG A 92 -22.25 -0.25 25.83
C ARG A 92 -21.11 -0.77 24.96
N ALA A 93 -20.15 0.10 24.65
CA ALA A 93 -19.08 -0.26 23.74
C ALA A 93 -18.21 -1.37 24.32
N ARG A 94 -17.94 -2.38 23.48
CA ARG A 94 -17.08 -3.52 23.79
C ARG A 94 -15.88 -3.55 22.83
N VAL A 95 -14.68 -3.64 23.37
CA VAL A 95 -13.48 -3.58 22.54
C VAL A 95 -13.44 -4.78 21.59
N SER A 96 -13.15 -4.50 20.32
CA SER A 96 -12.90 -5.54 19.32
C SER A 96 -11.66 -5.22 18.48
N ARG A 97 -11.42 -5.98 17.43
CA ARG A 97 -10.32 -5.66 16.55
C ARG A 97 -10.85 -5.65 15.12
N PRO A 98 -10.30 -4.80 14.28
CA PRO A 98 -10.81 -4.71 12.90
C PRO A 98 -10.68 -5.99 12.11
N SER A 99 -11.76 -6.32 11.40
CA SER A 99 -11.79 -7.38 10.41
C SER A 99 -11.16 -6.86 9.12
N ALA A 100 -10.94 -7.77 8.18
CA ALA A 100 -10.37 -7.38 6.89
C ALA A 100 -11.25 -6.36 6.18
N ASP A 101 -12.56 -6.57 6.18
CA ASP A 101 -13.44 -5.65 5.47
C ASP A 101 -13.42 -4.26 6.09
N THR A 102 -13.37 -4.20 7.42
CA THR A 102 -13.28 -2.91 8.10
C THR A 102 -11.96 -2.22 7.78
N ILE A 103 -10.85 -2.96 7.77
CA ILE A 103 -9.56 -2.40 7.42
C ILE A 103 -9.61 -1.82 6.01
N ILE A 104 -10.13 -2.59 5.06
CA ILE A 104 -10.23 -2.12 3.67
C ILE A 104 -11.12 -0.89 3.59
N GLY A 105 -12.27 -0.92 4.28
CA GLY A 105 -13.14 0.23 4.27
C GLY A 105 -12.47 1.48 4.81
N GLU A 106 -11.70 1.33 5.89
CA GLU A 106 -11.00 2.46 6.48
C GLU A 106 -9.92 3.00 5.53
N LEU A 107 -9.11 2.12 4.94
CA LEU A 107 -8.11 2.59 3.99
C LEU A 107 -8.75 3.29 2.79
N SER A 108 -9.82 2.72 2.26
CA SER A 108 -10.49 3.33 1.11
C SER A 108 -11.09 4.69 1.47
N GLY A 109 -11.69 4.80 2.65
CA GLY A 109 -12.18 6.12 3.07
C GLY A 109 -11.07 7.11 3.29
N MET A 110 -9.96 6.66 3.87
CA MET A 110 -8.80 7.52 4.05
C MET A 110 -8.27 8.00 2.69
N ALA A 111 -8.10 7.09 1.72
CA ALA A 111 -7.59 7.51 0.42
C ALA A 111 -8.55 8.49 -0.25
N LYS A 112 -9.85 8.25 -0.17
CA LYS A 112 -10.75 9.19 -0.83
C LYS A 112 -10.69 10.55 -0.16
N ASP A 113 -10.62 10.59 1.17
CA ASP A 113 -10.50 11.89 1.81
C ASP A 113 -9.24 12.62 1.34
N PHE A 114 -8.08 11.93 1.35
CA PHE A 114 -6.84 12.64 0.99
C PHE A 114 -6.80 13.03 -0.48
N LEU A 115 -7.30 12.18 -1.37
CA LEU A 115 -7.28 12.52 -2.79
C LEU A 115 -8.20 13.69 -3.15
N SER A 116 -9.17 14.01 -2.29
CA SER A 116 -10.07 15.14 -2.55
C SER A 116 -9.44 16.50 -2.27
N HIS A 117 -8.25 16.56 -1.69
CA HIS A 117 -7.48 17.78 -1.46
C HIS A 117 -6.52 18.01 -2.63
N PRO A 118 -6.27 19.26 -3.01
CA PRO A 118 -5.34 19.52 -4.11
C PRO A 118 -3.98 18.90 -3.82
N GLY A 119 -3.41 18.19 -4.80
CA GLY A 119 -2.12 17.60 -4.57
C GLY A 119 -2.12 16.34 -3.72
N GLY A 120 -3.29 15.89 -3.23
CA GLY A 120 -3.34 14.72 -2.36
C GLY A 120 -2.73 13.48 -2.99
N ILE A 121 -2.84 13.32 -4.31
CA ILE A 121 -2.26 12.15 -4.95
C ILE A 121 -0.75 12.08 -4.69
N ALA A 122 -0.10 13.23 -4.45
CA ALA A 122 1.32 13.22 -4.14
C ALA A 122 1.64 12.30 -2.95
N HIS A 123 0.75 12.19 -1.96
CA HIS A 123 1.01 11.31 -0.82
C HIS A 123 1.17 9.87 -1.27
N PHE A 124 0.39 9.45 -2.27
CA PHE A 124 0.49 8.10 -2.81
C PHE A 124 1.69 7.94 -3.74
N GLU A 125 2.10 9.00 -4.44
CA GLU A 125 3.33 8.92 -5.23
C GLU A 125 4.51 8.61 -4.31
N GLN A 126 4.58 9.28 -3.16
CA GLN A 126 5.64 8.98 -2.20
C GLN A 126 5.50 7.57 -1.61
N LEU A 127 4.26 7.11 -1.35
CA LEU A 127 4.08 5.72 -0.93
C LEU A 127 4.69 4.75 -1.95
N ARG A 128 4.41 4.97 -3.23
CA ARG A 128 4.97 4.08 -4.26
C ARG A 128 6.49 4.15 -4.22
N LEU A 129 7.03 5.36 -4.07
CA LEU A 129 8.49 5.54 -4.01
C LEU A 129 9.12 4.76 -2.84
N PHE A 130 8.53 4.83 -1.65
CA PHE A 130 9.12 4.12 -0.50
C PHE A 130 9.16 2.61 -0.73
N PHE A 131 8.07 2.03 -1.24
CA PHE A 131 8.08 0.59 -1.54
C PHE A 131 9.09 0.26 -2.63
N GLU A 132 9.13 1.07 -3.71
CA GLU A 132 10.02 0.74 -4.82
C GLU A 132 11.48 0.94 -4.44
N SER A 133 11.78 1.87 -3.55
CA SER A 133 13.14 1.99 -3.03
C SER A 133 13.62 0.66 -2.40
N SER A 134 12.79 0.05 -1.54
CA SER A 134 13.17 -1.24 -0.98
C SER A 134 13.27 -2.31 -2.07
N LEU A 135 12.40 -2.24 -3.08
CA LEU A 135 12.42 -3.24 -4.15
C LEU A 135 13.70 -3.17 -4.96
N VAL A 136 14.14 -1.96 -5.36
CA VAL A 136 15.32 -1.90 -6.20
C VAL A 136 16.57 -2.26 -5.40
N ARG A 137 16.60 -1.94 -4.11
CA ARG A 137 17.70 -2.39 -3.25
C ARG A 137 17.72 -3.90 -3.17
N TYR A 138 16.53 -4.52 -3.05
CA TYR A 138 16.43 -5.97 -3.06
C TYR A 138 16.92 -6.51 -4.38
N ALA A 139 16.44 -5.91 -5.48
CA ALA A 139 16.82 -6.39 -6.80
C ALA A 139 18.34 -6.32 -7.00
N ALA A 140 18.97 -5.24 -6.55
CA ALA A 140 20.42 -5.12 -6.73
C ALA A 140 21.16 -6.23 -5.98
N GLU A 141 20.69 -6.61 -4.80
CA GLU A 141 21.42 -7.64 -4.06
C GLU A 141 21.09 -9.04 -4.55
N HIS A 142 19.89 -9.26 -5.13
CA HIS A 142 19.44 -10.64 -5.41
C HIS A 142 19.11 -10.94 -6.85
N ALA A 143 19.03 -9.97 -7.74
CA ALA A 143 18.59 -10.31 -9.09
C ALA A 143 19.56 -11.28 -9.75
N THR A 144 19.03 -12.36 -10.33
CA THR A 144 19.83 -13.26 -11.15
C THR A 144 20.17 -12.60 -12.48
N ASP A 145 21.08 -13.25 -13.22
CA ASP A 145 21.41 -12.76 -14.56
C ASP A 145 20.19 -12.84 -15.48
N GLU A 146 19.39 -13.89 -15.36
CA GLU A 146 18.17 -13.98 -16.16
C GLU A 146 17.21 -12.85 -15.85
N GLN A 147 17.08 -12.49 -14.56
CA GLN A 147 16.21 -11.37 -14.19
C GLN A 147 16.74 -10.06 -14.78
N ILE A 148 18.07 -9.87 -14.80
CA ILE A 148 18.62 -8.67 -15.42
C ILE A 148 18.28 -8.63 -16.91
N ASP A 149 18.37 -9.77 -17.60
CA ASP A 149 18.01 -9.82 -19.02
C ASP A 149 16.54 -9.47 -19.23
N LEU A 150 15.66 -9.95 -18.34
CA LEU A 150 14.27 -9.54 -18.43
C LEU A 150 14.17 -8.02 -18.35
N LEU A 151 14.96 -7.42 -17.45
CA LEU A 151 14.98 -5.97 -17.34
C LEU A 151 15.48 -5.32 -18.62
N ALA A 152 16.59 -5.84 -19.18
CA ALA A 152 17.11 -5.24 -20.41
C ALA A 152 16.08 -5.34 -21.52
N LYS A 153 15.35 -6.44 -21.60
CA LYS A 153 14.31 -6.56 -22.61
C LYS A 153 13.22 -5.51 -22.41
N ALA A 154 12.86 -5.23 -21.14
CA ALA A 154 11.88 -4.18 -20.88
C ALA A 154 12.40 -2.82 -21.29
N LEU A 155 13.71 -2.60 -21.23
CA LEU A 155 14.20 -1.30 -21.66
C LEU A 155 14.06 -1.15 -23.15
N GLU A 156 14.15 -2.27 -23.89
CA GLU A 156 14.05 -2.19 -25.34
C GLU A 156 12.67 -1.75 -25.79
N ILE A 157 11.64 -2.15 -25.04
CA ILE A 157 10.27 -1.75 -25.37
C ILE A 157 10.10 -0.27 -25.02
N ASN A 158 10.82 0.22 -24.01
CA ASN A 158 10.81 1.65 -23.74
C ASN A 158 11.37 2.43 -24.94
N SER A 159 12.52 1.99 -25.47
CA SER A 159 13.17 2.77 -26.55
C SER A 159 12.31 2.83 -27.78
N GLN A 160 11.49 1.79 -28.03
CA GLN A 160 10.66 1.73 -29.23
C GLN A 160 9.30 2.41 -29.02
N SER A 161 9.05 2.99 -27.84
CA SER A 161 7.75 3.57 -27.53
C SER A 161 7.80 5.07 -27.26
N LEU A 162 8.88 5.75 -27.66
CA LEU A 162 9.06 7.12 -27.21
C LEU A 162 8.09 8.12 -27.85
N ASP A 163 7.44 7.77 -28.96
CA ASP A 163 6.64 8.74 -29.69
C ASP A 163 5.13 8.50 -29.59
N ASN A 164 4.72 7.58 -28.71
CA ASN A 164 3.30 7.32 -28.46
C ASN A 164 3.08 7.30 -26.95
N ASN A 165 2.19 8.16 -26.46
CA ASN A 165 1.99 8.23 -25.03
C ASN A 165 1.43 6.92 -24.47
N ALA A 166 0.36 6.40 -25.07
CA ALA A 166 -0.25 5.18 -24.54
C ALA A 166 0.76 4.04 -24.52
N ALA A 167 1.48 3.85 -25.61
CA ALA A 167 2.46 2.77 -25.66
C ALA A 167 3.56 2.99 -24.64
N PHE A 168 4.06 4.23 -24.50
CA PHE A 168 5.13 4.41 -23.54
C PHE A 168 4.64 4.17 -22.12
N ILE A 169 3.44 4.63 -21.79
CA ILE A 169 2.93 4.33 -20.45
C ILE A 169 2.84 2.83 -20.21
N ARG A 170 2.43 2.06 -21.23
CA ARG A 170 2.38 0.61 -21.05
C ARG A 170 3.78 0.04 -20.83
N SER A 171 4.77 0.53 -21.59
CA SER A 171 6.14 0.08 -21.42
C SER A 171 6.71 0.48 -20.07
N ASP A 172 6.34 1.67 -19.58
CA ASP A 172 6.77 2.15 -18.28
C ASP A 172 6.21 1.26 -17.17
N VAL A 173 4.91 1.03 -17.20
CA VAL A 173 4.29 0.13 -16.22
C VAL A 173 4.92 -1.26 -16.30
N ASP A 174 5.14 -1.77 -17.51
CA ASP A 174 5.69 -3.13 -17.60
C ASP A 174 7.11 -3.19 -17.09
N PHE A 175 7.90 -2.14 -17.32
CA PHE A 175 9.25 -2.10 -16.79
C PHE A 175 9.26 -2.27 -15.27
N HIS A 176 8.44 -1.47 -14.57
CA HIS A 176 8.36 -1.57 -13.11
C HIS A 176 7.76 -2.92 -12.68
N ARG A 177 6.87 -3.51 -13.50
CA ARG A 177 6.36 -4.87 -13.23
C ARG A 177 7.48 -5.90 -13.23
N VAL A 178 8.37 -5.83 -14.24
CA VAL A 178 9.51 -6.74 -14.27
C VAL A 178 10.31 -6.60 -13.00
N LEU A 179 10.55 -5.35 -12.57
CA LEU A 179 11.26 -5.14 -11.32
C LEU A 179 10.53 -5.79 -10.16
N ALA A 180 9.21 -5.57 -10.10
CA ALA A 180 8.43 -5.99 -8.94
C ALA A 180 8.31 -7.50 -8.86
N GLU A 181 8.54 -8.22 -9.96
CA GLU A 181 8.49 -9.68 -9.93
C GLU A 181 9.76 -10.29 -9.37
N ILE A 182 10.83 -9.50 -9.27
CA ILE A 182 12.12 -10.09 -8.88
C ILE A 182 12.04 -10.79 -7.53
N PRO A 183 11.34 -10.26 -6.51
CA PRO A 183 11.28 -10.98 -5.21
C PRO A 183 10.50 -12.29 -5.26
N GLY A 184 9.72 -12.58 -6.29
CA GLY A 184 8.94 -13.82 -6.22
C GLY A 184 7.74 -13.71 -5.29
N ASN A 185 7.37 -12.49 -4.91
CA ASN A 185 6.28 -12.28 -3.97
C ASN A 185 5.01 -11.93 -4.73
N PRO A 186 4.05 -12.85 -4.85
CA PRO A 186 2.85 -12.56 -5.66
C PRO A 186 1.93 -11.53 -5.03
N ILE A 187 2.04 -11.31 -3.71
CA ILE A 187 1.16 -10.31 -3.12
C ILE A 187 1.74 -8.92 -3.33
N PHE A 188 3.04 -8.77 -3.10
CA PHE A 188 3.65 -7.47 -3.29
C PHE A 188 3.52 -7.07 -4.75
N MET A 189 3.78 -8.01 -5.66
CA MET A 189 3.81 -7.64 -7.06
C MET A 189 2.43 -7.17 -7.53
N ALA A 190 1.35 -7.85 -7.15
CA ALA A 190 0.04 -7.45 -7.63
C ALA A 190 -0.36 -6.08 -7.09
N ILE A 191 -0.11 -5.81 -5.81
CA ILE A 191 -0.51 -4.55 -5.22
C ILE A 191 0.36 -3.41 -5.73
N HIS A 192 1.68 -3.61 -5.74
CA HIS A 192 2.59 -2.55 -6.14
C HIS A 192 2.33 -2.11 -7.57
N VAL A 193 2.19 -3.08 -8.46
CA VAL A 193 1.97 -2.78 -9.86
C VAL A 193 0.62 -2.08 -10.06
N ALA A 194 -0.42 -2.55 -9.35
CA ALA A 194 -1.71 -1.86 -9.43
C ALA A 194 -1.59 -0.41 -8.96
N LEU A 195 -0.77 -0.16 -7.93
CA LEU A 195 -0.60 1.20 -7.43
C LEU A 195 0.11 2.10 -8.43
N LEU A 196 1.27 1.66 -8.93
CA LEU A 196 1.99 2.50 -9.87
C LEU A 196 1.24 2.64 -11.18
N ASP A 197 0.54 1.59 -11.61
CA ASP A 197 -0.26 1.70 -12.83
C ASP A 197 -1.33 2.77 -12.69
N TRP A 198 -2.03 2.82 -11.56
CA TRP A 198 -2.99 3.91 -11.33
C TRP A 198 -2.28 5.27 -11.36
N LEU A 199 -1.16 5.39 -10.64
CA LEU A 199 -0.49 6.68 -10.52
C LEU A 199 0.06 7.18 -11.87
N ILE A 200 0.76 6.32 -12.60
CA ILE A 200 1.35 6.76 -13.88
C ILE A 200 0.26 7.19 -14.86
N ALA A 201 -0.80 6.39 -14.98
CA ALA A 201 -1.87 6.72 -15.94
C ALA A 201 -2.68 7.94 -15.49
N ALA A 202 -2.67 8.27 -14.20
CA ALA A 202 -3.45 9.42 -13.73
C ALA A 202 -2.80 10.76 -14.05
N ARG A 203 -1.51 10.80 -14.40
CA ARG A 203 -0.89 12.11 -14.59
C ARG A 203 -1.35 12.69 -15.93
N PRO A 204 -1.69 13.97 -15.99
CA PRO A 204 -2.12 14.51 -17.29
C PRO A 204 -0.99 14.45 -18.29
N THR A 205 -1.36 14.19 -19.53
CA THR A 205 -0.41 13.95 -20.59
C THR A 205 0.29 15.24 -21.05
N VAL A 206 1.59 15.12 -21.33
CA VAL A 206 2.37 16.25 -21.85
C VAL A 206 1.96 16.54 -23.29
N THR A 207 2.32 17.74 -23.76
CA THR A 207 2.01 18.15 -25.12
C THR A 207 2.77 17.30 -26.13
N ASP A 208 2.28 17.33 -27.37
CA ASP A 208 2.88 16.54 -28.45
C ASP A 208 4.34 16.92 -28.70
N GLN A 209 4.67 18.22 -28.63
CA GLN A 209 6.05 18.61 -28.90
C GLN A 209 6.99 18.18 -27.80
N ALA A 210 6.52 18.21 -26.55
CA ALA A 210 7.35 17.77 -25.43
C ALA A 210 7.47 16.24 -25.35
N LEU A 211 6.55 15.49 -25.94
CA LEU A 211 6.37 14.06 -25.62
C LEU A 211 7.63 13.23 -25.84
N HIS A 212 8.33 13.43 -26.94
CA HIS A 212 9.44 12.53 -27.26
C HIS A 212 10.54 12.62 -26.21
N GLU A 213 10.98 13.84 -25.92
CA GLU A 213 12.06 14.05 -24.98
C GLU A 213 11.63 13.74 -23.55
N HIS A 214 10.35 14.00 -23.22
CA HIS A 214 9.82 13.61 -21.92
C HIS A 214 9.93 12.09 -21.70
N ASN A 215 9.52 11.30 -22.69
CA ASN A 215 9.62 9.84 -22.58
C ASN A 215 11.07 9.39 -22.53
N ASN A 216 11.94 10.05 -23.29
CA ASN A 216 13.35 9.70 -23.29
C ASN A 216 13.96 9.91 -21.92
N VAL A 217 13.57 10.97 -21.22
CA VAL A 217 14.08 11.17 -19.86
C VAL A 217 13.72 9.97 -18.98
N SER A 218 12.45 9.52 -19.06
CA SER A 218 12.04 8.34 -18.29
C SER A 218 12.85 7.10 -18.68
N TYR A 219 13.05 6.92 -19.98
CA TYR A 219 13.82 5.76 -20.47
C TYR A 219 15.25 5.78 -19.98
N GLN A 220 15.94 6.93 -20.08
CA GLN A 220 17.33 7.01 -19.63
C GLN A 220 17.43 6.69 -18.14
N GLN A 221 16.47 7.17 -17.35
CA GLN A 221 16.47 6.89 -15.92
C GLN A 221 16.25 5.39 -15.67
N HIS A 222 15.42 4.73 -16.49
CA HIS A 222 15.25 3.29 -16.35
C HIS A 222 16.56 2.55 -16.62
N ILE A 223 17.32 3.01 -17.62
CA ILE A 223 18.60 2.38 -17.92
C ILE A 223 19.53 2.47 -16.72
N ALA A 224 19.58 3.64 -16.08
CA ALA A 224 20.44 3.84 -14.92
C ALA A 224 20.06 2.91 -13.76
N ILE A 225 18.76 2.68 -13.56
CA ILE A 225 18.32 1.73 -12.53
C ILE A 225 18.84 0.34 -12.84
N VAL A 226 18.66 -0.12 -14.09
CA VAL A 226 19.11 -1.46 -14.46
C VAL A 226 20.64 -1.55 -14.36
N ASP A 227 21.35 -0.51 -14.82
CA ASP A 227 22.80 -0.52 -14.74
C ASP A 227 23.29 -0.67 -13.30
N ALA A 228 22.64 0.03 -12.35
CA ALA A 228 23.01 -0.11 -10.94
C ALA A 228 22.75 -1.52 -10.44
N ILE A 229 21.63 -2.13 -10.86
CA ILE A 229 21.28 -3.50 -10.46
C ILE A 229 22.28 -4.50 -11.04
N ARG A 230 22.72 -4.27 -12.30
CA ARG A 230 23.74 -5.14 -12.90
C ARG A 230 25.04 -5.09 -12.11
N ARG A 231 25.42 -3.91 -11.61
CA ARG A 231 26.59 -3.80 -10.77
C ARG A 231 26.35 -4.26 -9.34
N HIS A 232 25.13 -4.71 -9.01
CA HIS A 232 24.75 -5.18 -7.67
C HIS A 232 25.06 -4.13 -6.61
N ASP A 233 24.81 -2.86 -6.95
CA ASP A 233 25.06 -1.77 -6.01
C ASP A 233 23.71 -1.23 -5.54
N PRO A 234 23.22 -1.65 -4.37
CA PRO A 234 21.91 -1.16 -3.92
C PRO A 234 21.89 0.35 -3.68
N ASP A 235 22.98 0.94 -3.19
CA ASP A 235 22.99 2.37 -2.98
C ASP A 235 22.84 3.12 -4.30
N GLU A 236 23.55 2.68 -5.34
CA GLU A 236 23.42 3.29 -6.65
C GLU A 236 22.02 3.09 -7.23
N ALA A 237 21.48 1.89 -7.08
CA ALA A 237 20.13 1.65 -7.57
C ALA A 237 19.12 2.53 -6.85
N ASP A 238 19.25 2.65 -5.53
CA ASP A 238 18.38 3.56 -4.78
C ASP A 238 18.53 5.00 -5.26
N ARG A 239 19.76 5.45 -5.52
CA ARG A 239 19.93 6.82 -5.98
C ARG A 239 19.31 7.01 -7.36
N ALA A 240 19.49 6.04 -8.26
CA ALA A 240 18.84 6.15 -9.57
C ALA A 240 17.32 6.13 -9.43
N LEU A 241 16.79 5.34 -8.50
CA LEU A 241 15.34 5.34 -8.31
C LEU A 241 14.85 6.68 -7.76
N GLN A 242 15.63 7.33 -6.91
CA GLN A 242 15.11 8.56 -6.32
C GLN A 242 15.13 9.71 -7.31
N SER A 243 16.07 9.71 -8.26
CA SER A 243 16.06 10.72 -9.30
C SER A 243 14.88 10.50 -10.23
N HIS A 244 14.48 9.24 -10.38
CA HIS A 244 13.37 8.87 -11.26
C HIS A 244 12.03 9.34 -10.71
N LEU A 245 11.85 9.29 -9.38
CA LEU A 245 10.56 9.53 -8.75
C LEU A 245 10.54 10.75 -7.84
N ASN A 246 11.66 11.44 -7.67
CA ASN A 246 11.64 12.68 -6.90
C ASN A 246 11.70 13.92 -7.76
N LYS B 31 -16.35 -20.97 -28.18
CA LYS B 31 -15.09 -20.71 -27.48
C LYS B 31 -14.42 -19.44 -28.04
N LEU B 32 -14.49 -19.27 -29.38
CA LEU B 32 -13.98 -18.05 -29.99
C LEU B 32 -14.54 -16.82 -29.29
N SER B 33 -15.84 -16.85 -28.96
CA SER B 33 -16.44 -15.69 -28.29
C SER B 33 -15.77 -15.46 -26.93
N GLU B 34 -15.43 -16.52 -26.21
CA GLU B 34 -14.72 -16.33 -24.96
C GLU B 34 -13.34 -15.71 -25.20
N MET B 35 -12.66 -16.14 -26.25
CA MET B 35 -11.34 -15.60 -26.55
C MET B 35 -11.36 -14.12 -26.92
N VAL B 36 -12.31 -13.69 -27.76
CA VAL B 36 -12.35 -12.24 -28.03
C VAL B 36 -12.75 -11.48 -26.77
N GLU B 37 -13.61 -12.07 -25.93
CA GLU B 37 -13.97 -11.42 -24.67
C GLU B 37 -12.73 -11.21 -23.80
N GLU B 38 -11.93 -12.26 -23.63
CA GLU B 38 -10.73 -12.18 -22.80
C GLU B 38 -9.74 -11.16 -23.37
N GLU B 39 -9.51 -11.20 -24.69
CA GLU B 39 -8.58 -10.24 -25.29
C GLU B 39 -9.10 -8.82 -25.15
N LEU B 40 -10.41 -8.60 -25.34
CA LEU B 40 -10.97 -7.26 -25.19
C LEU B 40 -10.84 -6.78 -23.75
N GLU B 41 -11.07 -7.67 -22.77
CA GLU B 41 -10.91 -7.30 -21.37
C GLU B 41 -9.47 -6.91 -21.07
N GLN B 42 -8.50 -7.68 -21.57
CA GLN B 42 -7.09 -7.33 -21.43
C GLN B 42 -6.78 -6.02 -22.14
N MET B 43 -7.29 -5.83 -23.35
CA MET B 43 -7.05 -4.57 -24.05
C MET B 43 -7.58 -3.40 -23.23
N ILE B 44 -8.71 -3.58 -22.55
CA ILE B 44 -9.27 -2.53 -21.69
C ILE B 44 -8.37 -2.26 -20.49
N ARG B 45 -7.82 -3.32 -19.87
CA ARG B 45 -6.94 -3.13 -18.72
C ARG B 45 -5.59 -2.55 -19.15
N ARG B 46 -5.11 -2.91 -20.34
CA ARG B 46 -3.88 -2.35 -20.88
C ARG B 46 -4.03 -0.92 -21.40
N ARG B 47 -5.23 -0.34 -21.30
CA ARG B 47 -5.52 1.00 -21.79
C ARG B 47 -5.32 1.15 -23.30
N GLU B 48 -5.37 0.04 -24.04
CA GLU B 48 -5.45 0.13 -25.49
C GLU B 48 -6.72 0.82 -25.93
N PHE B 49 -7.74 0.87 -25.07
CA PHE B 49 -8.91 1.72 -25.25
C PHE B 49 -9.08 2.64 -24.04
N GLY B 50 -9.41 3.90 -24.30
CA GLY B 50 -9.64 4.90 -23.27
C GLY B 50 -10.92 4.61 -22.52
N GLU B 51 -11.57 5.62 -21.96
CA GLU B 51 -12.84 5.45 -21.27
C GLU B 51 -14.05 5.85 -22.11
N GLY B 52 -13.87 6.09 -23.41
CA GLY B 52 -14.96 6.45 -24.28
C GLY B 52 -15.56 5.25 -25.00
N GLU B 53 -16.38 5.55 -26.02
CA GLU B 53 -17.08 4.61 -26.93
C GLU B 53 -16.12 3.94 -27.85
N GLN B 54 -14.90 4.14 -27.38
CA GLN B 54 -13.68 3.77 -28.07
C GLN B 54 -13.70 2.39 -28.73
N LEU B 55 -14.51 1.45 -28.27
CA LEU B 55 -14.46 0.15 -28.92
C LEU B 55 -14.85 0.24 -30.39
N PRO B 56 -14.18 -0.51 -31.26
CA PRO B 56 -14.56 -0.55 -32.67
C PRO B 56 -15.95 -1.14 -32.86
N SER B 57 -16.52 -0.84 -34.02
CA SER B 57 -17.81 -1.38 -34.39
C SER B 57 -17.73 -2.89 -34.51
N GLU B 58 -18.90 -3.53 -34.58
CA GLU B 58 -18.92 -4.98 -34.74
C GLU B 58 -18.12 -5.44 -35.96
N ARG B 59 -18.29 -4.76 -37.11
CA ARG B 59 -17.62 -5.18 -38.34
C ARG B 59 -16.10 -5.09 -38.18
N GLU B 60 -15.59 -4.02 -37.56
CA GLU B 60 -14.15 -3.90 -37.31
C GLU B 60 -13.65 -5.03 -36.40
N LEU B 61 -14.39 -5.32 -35.33
CA LEU B 61 -13.97 -6.38 -34.43
C LEU B 61 -13.91 -7.71 -35.17
N MET B 62 -14.82 -7.94 -36.12
CA MET B 62 -14.80 -9.16 -36.89
C MET B 62 -13.49 -9.30 -37.68
N ALA B 63 -13.12 -8.25 -38.43
CA ALA B 63 -11.87 -8.29 -39.20
C ALA B 63 -10.65 -8.31 -38.27
N PHE B 64 -10.74 -7.61 -37.15
CA PHE B 64 -9.64 -7.56 -36.20
C PHE B 64 -9.31 -8.94 -35.65
N PHE B 65 -10.33 -9.73 -35.35
CA PHE B 65 -10.11 -11.05 -34.76
C PHE B 65 -10.31 -12.19 -35.75
N ASN B 66 -10.81 -11.91 -36.95
CA ASN B 66 -11.12 -12.94 -37.95
C ASN B 66 -12.14 -13.93 -37.40
N VAL B 67 -13.19 -13.40 -36.75
CA VAL B 67 -14.27 -14.22 -36.23
C VAL B 67 -15.58 -13.63 -36.72
N GLY B 68 -16.65 -14.39 -36.51
CA GLY B 68 -17.97 -13.99 -36.98
C GLY B 68 -18.68 -13.00 -36.07
N ARG B 69 -19.75 -12.43 -36.62
CA ARG B 69 -20.56 -11.49 -35.86
C ARG B 69 -21.16 -12.13 -34.62
N PRO B 70 -21.65 -13.38 -34.64
CA PRO B 70 -22.16 -13.96 -33.39
C PRO B 70 -21.13 -14.00 -32.28
N SER B 71 -19.88 -14.39 -32.57
CA SER B 71 -18.83 -14.41 -31.53
C SER B 71 -18.56 -13.01 -31.00
N VAL B 72 -18.52 -12.00 -31.88
CA VAL B 72 -18.29 -10.63 -31.45
C VAL B 72 -19.45 -10.16 -30.58
N ARG B 73 -20.68 -10.42 -31.03
CA ARG B 73 -21.88 -10.02 -30.28
C ARG B 73 -21.91 -10.68 -28.92
N GLU B 74 -21.60 -11.98 -28.85
CA GLU B 74 -21.58 -12.69 -27.58
C GLU B 74 -20.52 -12.13 -26.63
N ALA B 75 -19.32 -11.82 -27.15
CA ALA B 75 -18.27 -11.27 -26.30
C ALA B 75 -18.67 -9.92 -25.73
N LEU B 76 -19.22 -9.04 -26.59
CA LEU B 76 -19.67 -7.74 -26.10
C LEU B 76 -20.74 -7.89 -25.03
N ALA B 77 -21.67 -8.83 -25.23
CA ALA B 77 -22.73 -9.04 -24.24
C ALA B 77 -22.14 -9.48 -22.91
N ALA B 78 -21.13 -10.36 -22.93
CA ALA B 78 -20.50 -10.79 -21.68
C ALA B 78 -19.80 -9.63 -20.99
N LEU B 79 -19.11 -8.79 -21.77
CA LEU B 79 -18.44 -7.64 -21.16
C LEU B 79 -19.46 -6.73 -20.50
N LYS B 80 -20.61 -6.52 -21.12
CA LYS B 80 -21.63 -5.66 -20.53
C LYS B 80 -22.13 -6.25 -19.21
N ARG B 81 -22.42 -7.56 -19.18
CA ARG B 81 -22.85 -8.20 -17.94
C ARG B 81 -21.78 -8.10 -16.85
N LYS B 82 -20.49 -8.13 -17.22
CA LYS B 82 -19.44 -7.92 -16.23
C LYS B 82 -19.36 -6.47 -15.76
N GLY B 83 -20.05 -5.55 -16.42
CA GLY B 83 -19.90 -4.14 -16.13
C GLY B 83 -18.74 -3.45 -16.79
N LEU B 84 -18.07 -4.10 -17.76
CA LEU B 84 -16.87 -3.56 -18.38
C LEU B 84 -17.14 -2.61 -19.55
N VAL B 85 -18.32 -2.67 -20.17
CA VAL B 85 -18.70 -1.75 -21.24
C VAL B 85 -20.17 -1.39 -21.11
N GLN B 86 -20.53 -0.26 -21.75
CA GLN B 86 -21.90 0.23 -21.90
C GLN B 86 -22.29 0.14 -23.37
N ILE B 87 -23.46 -0.44 -23.66
CA ILE B 87 -23.95 -0.59 -25.04
C ILE B 87 -25.43 -0.21 -25.10
N ASN B 88 -25.77 0.77 -25.95
CA ASN B 88 -27.14 1.21 -26.16
C ASN B 88 -27.56 0.92 -27.59
N ASN B 89 -28.83 0.53 -27.79
CA ASN B 89 -29.53 0.56 -29.06
C ASN B 89 -28.66 0.32 -30.28
N GLY B 90 -27.79 -0.69 -30.25
CA GLY B 90 -26.95 -0.95 -31.40
C GLY B 90 -25.93 0.14 -31.68
N GLU B 91 -25.53 0.89 -30.66
CA GLU B 91 -24.46 1.88 -30.77
C GLU B 91 -23.13 1.13 -30.67
N ARG B 92 -22.04 1.87 -30.57
CA ARG B 92 -20.77 1.24 -30.26
C ARG B 92 -20.57 1.17 -28.75
N ALA B 93 -19.91 0.10 -28.31
CA ALA B 93 -19.69 -0.12 -26.89
C ALA B 93 -18.77 0.96 -26.33
N ARG B 94 -19.06 1.40 -25.10
CA ARG B 94 -18.23 2.36 -24.39
C ARG B 94 -17.59 1.67 -23.19
N VAL B 95 -16.26 1.70 -23.13
CA VAL B 95 -15.56 1.03 -22.05
C VAL B 95 -15.81 1.75 -20.73
N SER B 96 -16.09 0.99 -19.68
CA SER B 96 -16.20 1.49 -18.33
C SER B 96 -15.29 0.62 -17.49
N ARG B 97 -14.08 1.12 -17.27
CA ARG B 97 -13.06 0.44 -16.50
C ARG B 97 -13.55 0.06 -15.12
N PRO B 98 -13.02 -1.02 -14.54
CA PRO B 98 -13.40 -1.38 -13.17
C PRO B 98 -13.13 -0.21 -12.24
N SER B 99 -14.03 0.00 -11.30
CA SER B 99 -13.88 1.10 -10.36
C SER B 99 -12.73 0.81 -9.39
N ALA B 100 -12.43 1.83 -8.58
CA ALA B 100 -11.42 1.66 -7.53
C ALA B 100 -11.83 0.54 -6.58
N ASP B 101 -13.12 0.47 -6.25
CA ASP B 101 -13.60 -0.52 -5.30
C ASP B 101 -13.48 -1.94 -5.83
N THR B 102 -13.77 -2.17 -7.11
CA THR B 102 -13.60 -3.53 -7.62
C THR B 102 -12.12 -3.93 -7.67
N ILE B 103 -11.24 -3.05 -8.15
CA ILE B 103 -9.80 -3.35 -8.14
C ILE B 103 -9.35 -3.65 -6.71
N ILE B 104 -9.75 -2.79 -5.77
CA ILE B 104 -9.39 -2.98 -4.36
C ILE B 104 -10.00 -4.27 -3.82
N GLY B 105 -11.26 -4.53 -4.18
CA GLY B 105 -11.89 -5.76 -3.75
C GLY B 105 -11.15 -7.00 -4.21
N GLU B 106 -10.68 -6.99 -5.46
CA GLU B 106 -9.94 -8.15 -5.96
C GLU B 106 -8.61 -8.31 -5.21
N LEU B 107 -7.85 -7.23 -5.08
CA LEU B 107 -6.55 -7.32 -4.41
C LEU B 107 -6.71 -7.73 -2.94
N SER B 108 -7.68 -7.16 -2.25
CA SER B 108 -7.87 -7.46 -0.83
C SER B 108 -8.32 -8.90 -0.61
N GLY B 109 -9.21 -9.41 -1.46
CA GLY B 109 -9.57 -10.82 -1.34
C GLY B 109 -8.37 -11.73 -1.58
N MET B 110 -7.54 -11.38 -2.56
CA MET B 110 -6.30 -12.12 -2.80
C MET B 110 -5.39 -12.07 -1.60
N ALA B 111 -5.19 -10.86 -1.05
CA ALA B 111 -4.30 -10.68 0.08
C ALA B 111 -4.82 -11.39 1.33
N LYS B 112 -6.15 -11.43 1.47
CA LYS B 112 -6.77 -12.09 2.62
C LYS B 112 -6.68 -13.61 2.53
N ASP B 113 -7.04 -14.17 1.37
CA ASP B 113 -6.99 -15.61 1.17
C ASP B 113 -5.60 -16.18 1.42
N PHE B 114 -4.56 -15.45 0.98
CA PHE B 114 -3.21 -15.98 1.10
C PHE B 114 -2.83 -16.22 2.55
N LEU B 115 -3.39 -15.43 3.47
CA LEU B 115 -3.03 -15.59 4.89
C LEU B 115 -3.43 -16.94 5.46
N SER B 116 -4.32 -17.69 4.79
CA SER B 116 -4.67 -19.03 5.29
C SER B 116 -3.59 -20.07 4.99
N HIS B 117 -2.64 -19.75 4.11
CA HIS B 117 -1.50 -20.62 3.77
C HIS B 117 -0.24 -20.19 4.51
N PRO B 118 0.61 -21.10 5.00
CA PRO B 118 1.88 -20.67 5.60
C PRO B 118 2.73 -19.83 4.67
N GLY B 119 2.76 -20.12 3.36
CA GLY B 119 3.57 -19.27 2.53
C GLY B 119 2.92 -17.93 2.22
N GLY B 120 1.61 -17.79 2.45
CA GLY B 120 0.98 -16.49 2.29
C GLY B 120 1.39 -15.54 3.39
N ILE B 121 1.53 -16.07 4.61
CA ILE B 121 1.99 -15.27 5.75
C ILE B 121 3.40 -14.75 5.49
N ALA B 122 4.25 -15.61 4.92
CA ALA B 122 5.61 -15.18 4.61
C ALA B 122 5.62 -14.09 3.54
N HIS B 123 4.82 -14.24 2.49
CA HIS B 123 4.76 -13.19 1.48
C HIS B 123 4.27 -11.87 2.07
N PHE B 124 3.30 -11.92 2.98
CA PHE B 124 2.76 -10.69 3.53
C PHE B 124 3.71 -10.04 4.51
N GLU B 125 4.44 -10.83 5.28
CA GLU B 125 5.46 -10.26 6.15
C GLU B 125 6.54 -9.54 5.35
N GLN B 126 6.92 -10.09 4.19
CA GLN B 126 7.91 -9.41 3.35
C GLN B 126 7.39 -8.08 2.83
N LEU B 127 6.12 -8.03 2.43
CA LEU B 127 5.54 -6.76 2.02
C LEU B 127 5.66 -5.74 3.13
N ARG B 128 5.34 -6.15 4.36
CA ARG B 128 5.47 -5.23 5.49
C ARG B 128 6.93 -4.83 5.69
N LEU B 129 7.84 -5.79 5.58
CA LEU B 129 9.26 -5.51 5.72
C LEU B 129 9.72 -4.46 4.70
N PHE B 130 9.26 -4.57 3.45
CA PHE B 130 9.66 -3.57 2.44
C PHE B 130 9.28 -2.17 2.92
N PHE B 131 8.08 -2.01 3.48
CA PHE B 131 7.67 -0.69 3.99
C PHE B 131 8.54 -0.26 5.16
N GLU B 132 8.78 -1.16 6.12
CA GLU B 132 9.53 -0.79 7.32
C GLU B 132 11.00 -0.53 7.02
N SER B 133 11.58 -1.25 6.05
CA SER B 133 12.95 -0.93 5.63
C SER B 133 13.05 0.51 5.15
N SER B 134 12.14 0.93 4.29
CA SER B 134 12.22 2.30 3.77
C SER B 134 12.01 3.32 4.87
N LEU B 135 11.18 2.99 5.87
CA LEU B 135 10.97 3.93 6.97
C LEU B 135 12.23 4.07 7.81
N VAL B 136 12.87 2.94 8.19
CA VAL B 136 14.05 3.03 9.05
C VAL B 136 15.24 3.63 8.28
N ARG B 137 15.37 3.31 6.99
CA ARG B 137 16.43 3.95 6.21
C ARG B 137 16.21 5.45 6.08
N TYR B 138 14.96 5.87 5.84
CA TYR B 138 14.67 7.30 5.73
C TYR B 138 14.99 8.03 7.05
N ALA B 139 14.54 7.48 8.18
CA ALA B 139 14.82 8.12 9.47
C ALA B 139 16.31 8.25 9.71
N ALA B 140 17.08 7.20 9.40
CA ALA B 140 18.51 7.24 9.66
C ALA B 140 19.17 8.39 8.92
N GLU B 141 18.75 8.65 7.68
CA GLU B 141 19.36 9.70 6.86
C GLU B 141 18.72 11.06 7.03
N HIS B 142 17.47 11.15 7.47
CA HIS B 142 16.76 12.40 7.46
C HIS B 142 16.24 12.88 8.81
N ALA B 143 16.16 12.01 9.83
CA ALA B 143 15.55 12.42 11.09
C ALA B 143 16.38 13.51 11.78
N THR B 144 15.71 14.55 12.24
CA THR B 144 16.36 15.57 13.02
C THR B 144 16.69 15.04 14.41
N ASP B 145 17.46 15.81 15.17
CA ASP B 145 17.72 15.41 16.54
C ASP B 145 16.43 15.37 17.35
N GLU B 146 15.52 16.30 17.08
CA GLU B 146 14.23 16.30 17.78
C GLU B 146 13.46 15.01 17.48
N GLN B 147 13.46 14.58 16.21
CA GLN B 147 12.79 13.33 15.85
C GLN B 147 13.48 12.12 16.46
N ILE B 148 14.81 12.13 16.51
CA ILE B 148 15.52 11.02 17.14
C ILE B 148 15.16 10.94 18.63
N ASP B 149 15.10 12.09 19.30
CA ASP B 149 14.72 12.09 20.71
C ASP B 149 13.33 11.53 20.92
N LEU B 150 12.40 11.88 20.01
CA LEU B 150 11.07 11.30 20.07
C LEU B 150 11.12 9.78 19.98
N LEU B 151 11.96 9.24 19.10
CA LEU B 151 12.08 7.78 19.00
C LEU B 151 12.59 7.19 20.32
N ALA B 152 13.67 7.75 20.85
CA ALA B 152 14.25 7.23 22.09
C ALA B 152 13.27 7.32 23.25
N LYS B 153 12.51 8.41 23.31
CA LYS B 153 11.49 8.55 24.35
C LYS B 153 10.48 7.43 24.28
N ALA B 154 10.14 6.99 23.07
CA ALA B 154 9.22 5.88 22.92
C ALA B 154 9.77 4.61 23.56
N LEU B 155 11.10 4.48 23.62
CA LEU B 155 11.74 3.33 24.27
C LEU B 155 11.96 3.53 25.77
N GLU B 156 11.79 4.75 26.29
CA GLU B 156 11.98 5.02 27.70
C GLU B 156 11.00 4.30 28.61
N ILE B 157 11.48 3.28 29.30
CA ILE B 157 10.71 2.55 30.31
C ILE B 157 10.89 3.22 31.66
N ASN B 158 9.78 3.50 32.34
CA ASN B 158 9.83 4.08 33.69
C ASN B 158 10.43 3.12 34.71
N SER B 159 11.33 3.65 35.55
CA SER B 159 11.99 2.86 36.57
C SER B 159 11.00 2.32 37.60
N GLN B 160 9.92 3.06 37.84
CA GLN B 160 8.89 2.69 38.80
C GLN B 160 7.78 1.88 38.16
N SER B 161 7.95 1.43 36.92
CA SER B 161 6.92 0.67 36.22
C SER B 161 6.61 -0.63 36.96
N LEU B 162 5.32 -0.82 37.31
CA LEU B 162 4.91 -2.00 38.06
C LEU B 162 4.68 -3.23 37.19
N ASP B 163 4.44 -3.04 35.90
CA ASP B 163 4.16 -4.12 34.96
C ASP B 163 5.11 -3.96 33.77
N ASN B 164 6.22 -4.69 33.76
CA ASN B 164 7.19 -4.49 32.70
C ASN B 164 6.66 -4.96 31.35
N ASN B 165 5.80 -5.98 31.34
CA ASN B 165 5.25 -6.46 30.08
C ASN B 165 4.39 -5.39 29.42
N ALA B 166 3.50 -4.77 30.19
CA ALA B 166 2.69 -3.68 29.66
C ALA B 166 3.57 -2.56 29.09
N ALA B 167 4.68 -2.23 29.78
CA ALA B 167 5.58 -1.19 29.30
C ALA B 167 6.13 -1.53 27.92
N PHE B 168 6.45 -2.80 27.66
CA PHE B 168 6.94 -3.19 26.34
C PHE B 168 5.87 -3.06 25.26
N ILE B 169 4.61 -3.40 25.58
CA ILE B 169 3.52 -3.20 24.62
C ILE B 169 3.38 -1.72 24.28
N ARG B 170 3.43 -0.87 25.31
CA ARG B 170 3.32 0.56 25.10
C ARG B 170 4.49 1.10 24.29
N SER B 171 5.69 0.62 24.58
CA SER B 171 6.86 1.05 23.82
C SER B 171 6.77 0.66 22.36
N ASP B 172 6.24 -0.54 22.08
CA ASP B 172 6.10 -1.07 20.72
C ASP B 172 5.18 -0.20 19.89
N VAL B 173 3.98 0.09 20.41
CA VAL B 173 3.02 0.91 19.69
C VAL B 173 3.60 2.31 19.45
N ASP B 174 4.18 2.91 20.49
CA ASP B 174 4.68 4.29 20.38
C ASP B 174 5.88 4.38 19.44
N PHE B 175 6.76 3.38 19.45
CA PHE B 175 7.90 3.39 18.53
C PHE B 175 7.41 3.44 17.08
N HIS B 176 6.51 2.52 16.69
CA HIS B 176 6.09 2.51 15.29
C HIS B 176 5.32 3.75 14.88
N ARG B 177 4.56 4.37 15.79
CA ARG B 177 3.88 5.63 15.42
C ARG B 177 4.90 6.71 15.11
N VAL B 178 5.89 6.89 16.00
CA VAL B 178 6.90 7.90 15.71
C VAL B 178 7.64 7.57 14.42
N LEU B 179 8.03 6.30 14.23
CA LEU B 179 8.77 5.93 13.02
C LEU B 179 7.97 6.25 11.77
N ALA B 180 6.69 5.87 11.75
CA ALA B 180 5.92 6.04 10.52
C ALA B 180 5.62 7.49 10.23
N GLU B 181 5.60 8.34 11.26
CA GLU B 181 5.30 9.77 11.09
C GLU B 181 6.51 10.60 10.69
N ILE B 182 7.73 10.07 10.84
CA ILE B 182 8.93 10.88 10.61
C ILE B 182 8.95 11.50 9.22
N PRO B 183 8.57 10.81 8.15
CA PRO B 183 8.63 11.42 6.80
C PRO B 183 7.66 12.56 6.58
N GLY B 184 6.69 12.77 7.48
CA GLY B 184 5.71 13.84 7.27
C GLY B 184 4.61 13.53 6.29
N ASN B 185 4.43 12.28 5.91
CA ASN B 185 3.38 11.90 4.97
C ASN B 185 2.16 11.46 5.77
N PRO B 186 1.03 12.15 5.65
CA PRO B 186 -0.12 11.88 6.55
C PRO B 186 -0.80 10.52 6.34
N ILE B 187 -0.53 9.81 5.26
CA ILE B 187 -1.12 8.49 5.09
C ILE B 187 -0.24 7.36 5.63
N PHE B 188 1.05 7.60 5.85
CA PHE B 188 1.95 6.53 6.24
C PHE B 188 1.51 5.81 7.52
N MET B 189 1.06 6.56 8.52
CA MET B 189 0.69 5.93 9.79
C MET B 189 -0.50 4.99 9.60
N ALA B 190 -1.52 5.43 8.86
CA ALA B 190 -2.67 4.55 8.61
C ALA B 190 -2.23 3.31 7.82
N ILE B 191 -1.29 3.49 6.88
CA ILE B 191 -0.83 2.32 6.13
C ILE B 191 -0.13 1.34 7.07
N HIS B 192 0.74 1.85 7.94
CA HIS B 192 1.50 0.96 8.79
C HIS B 192 0.56 0.16 9.70
N VAL B 193 -0.41 0.86 10.30
CA VAL B 193 -1.37 0.21 11.20
C VAL B 193 -2.22 -0.83 10.45
N ALA B 194 -2.66 -0.49 9.23
CA ALA B 194 -3.46 -1.42 8.44
C ALA B 194 -2.72 -2.71 8.14
N LEU B 195 -1.40 -2.61 7.88
CA LEU B 195 -0.62 -3.79 7.57
C LEU B 195 -0.57 -4.74 8.76
N LEU B 196 -0.35 -4.21 9.97
CA LEU B 196 -0.37 -5.06 11.16
C LEU B 196 -1.77 -5.60 11.44
N ASP B 197 -2.80 -4.73 11.32
CA ASP B 197 -4.18 -5.16 11.55
C ASP B 197 -4.58 -6.28 10.60
N TRP B 198 -4.11 -6.20 9.36
CA TRP B 198 -4.43 -7.21 8.35
C TRP B 198 -3.98 -8.61 8.79
N LEU B 199 -2.78 -8.71 9.33
CA LEU B 199 -2.24 -9.97 9.82
C LEU B 199 -2.99 -10.45 11.06
N ILE B 200 -3.24 -9.55 12.01
CA ILE B 200 -3.95 -9.89 13.24
C ILE B 200 -5.35 -10.40 12.92
N ALA B 201 -6.00 -9.81 11.91
CA ALA B 201 -7.37 -10.18 11.61
C ALA B 201 -7.49 -11.62 11.12
N ALA B 202 -6.45 -12.16 10.51
CA ALA B 202 -6.54 -13.54 10.03
C ALA B 202 -6.23 -14.57 11.12
N ARG B 203 -5.66 -14.18 12.17
CA ARG B 203 -5.29 -15.02 13.29
C ARG B 203 -6.27 -14.90 14.46
N PRO B 204 -6.43 -15.97 15.23
CA PRO B 204 -7.19 -15.88 16.47
C PRO B 204 -6.54 -14.87 17.39
N THR B 205 -7.31 -14.37 18.35
CA THR B 205 -6.83 -13.27 19.17
C THR B 205 -5.55 -13.66 19.89
N VAL B 206 -4.57 -12.74 19.87
CA VAL B 206 -3.29 -13.00 20.50
C VAL B 206 -3.47 -13.08 22.01
N THR B 207 -2.79 -14.03 22.64
CA THR B 207 -2.84 -14.17 24.08
C THR B 207 -1.89 -13.18 24.75
N ASP B 208 -2.16 -12.86 26.01
CA ASP B 208 -1.26 -11.98 26.74
C ASP B 208 0.11 -12.61 26.89
N GLN B 209 0.17 -13.95 27.06
CA GLN B 209 1.45 -14.61 27.28
C GLN B 209 2.33 -14.60 26.04
N ALA B 210 1.77 -14.82 24.85
CA ALA B 210 2.61 -14.82 23.65
C ALA B 210 3.06 -13.42 23.27
N LEU B 211 2.24 -12.41 23.56
CA LEU B 211 2.63 -11.04 23.26
C LEU B 211 3.86 -10.66 24.07
N HIS B 212 3.98 -11.22 25.29
CA HIS B 212 5.05 -10.84 26.21
C HIS B 212 6.43 -11.18 25.66
N GLU B 213 6.63 -12.41 25.18
CA GLU B 213 7.94 -12.76 24.61
C GLU B 213 8.17 -12.06 23.28
N HIS B 214 7.11 -11.90 22.48
CA HIS B 214 7.24 -11.12 21.26
C HIS B 214 7.63 -9.67 21.56
N ASN B 215 7.02 -9.06 22.57
CA ASN B 215 7.34 -7.68 22.90
C ASN B 215 8.76 -7.54 23.42
N ASN B 216 9.23 -8.51 24.19
CA ASN B 216 10.61 -8.45 24.65
C ASN B 216 11.57 -8.47 23.47
N VAL B 217 11.30 -9.34 22.49
CA VAL B 217 12.12 -9.41 21.29
C VAL B 217 12.03 -8.10 20.53
N SER B 218 10.80 -7.59 20.35
CA SER B 218 10.61 -6.34 19.62
C SER B 218 11.36 -5.21 20.29
N TYR B 219 11.39 -5.18 21.63
CA TYR B 219 12.05 -4.07 22.31
C TYR B 219 13.54 -4.03 21.94
N GLN B 220 14.20 -5.20 21.94
CA GLN B 220 15.62 -5.22 21.59
C GLN B 220 15.84 -4.73 20.17
N GLN B 221 15.00 -5.14 19.24
CA GLN B 221 15.18 -4.74 17.85
C GLN B 221 14.96 -3.24 17.70
N HIS B 222 14.00 -2.68 18.43
CA HIS B 222 13.74 -1.24 18.39
C HIS B 222 14.93 -0.45 18.93
N ILE B 223 15.56 -0.94 20.00
CA ILE B 223 16.71 -0.26 20.56
C ILE B 223 17.85 -0.21 19.56
N ALA B 224 18.13 -1.33 18.90
CA ALA B 224 19.19 -1.35 17.90
C ALA B 224 18.85 -0.44 16.71
N ILE B 225 17.59 -0.38 16.31
CA ILE B 225 17.22 0.51 15.21
C ILE B 225 17.47 1.96 15.59
N VAL B 226 17.04 2.36 16.79
CA VAL B 226 17.25 3.72 17.27
C VAL B 226 18.74 4.02 17.41
N ASP B 227 19.53 3.08 17.90
CA ASP B 227 20.97 3.31 17.96
C ASP B 227 21.55 3.58 16.57
N ALA B 228 21.13 2.80 15.57
CA ALA B 228 21.60 3.04 14.20
C ALA B 228 21.09 4.37 13.65
N ILE B 229 19.83 4.73 13.95
CA ILE B 229 19.31 6.01 13.48
C ILE B 229 20.06 7.17 14.14
N ARG B 230 20.43 7.02 15.41
CA ARG B 230 21.21 8.05 16.10
C ARG B 230 22.56 8.26 15.39
N ARG B 231 23.17 7.18 14.93
CA ARG B 231 24.43 7.19 14.20
C ARG B 231 24.24 7.57 12.74
N HIS B 232 23.00 7.88 12.32
CA HIS B 232 22.65 8.27 10.94
C HIS B 232 23.14 7.25 9.94
N ASP B 233 23.06 5.97 10.32
CA ASP B 233 23.54 4.86 9.50
C ASP B 233 22.38 4.03 8.95
N PRO B 234 21.91 4.29 7.72
CA PRO B 234 20.78 3.51 7.20
C PRO B 234 21.06 2.03 7.04
N ASP B 235 22.27 1.66 6.61
CA ASP B 235 22.60 0.25 6.46
C ASP B 235 22.51 -0.49 7.79
N GLU B 236 23.02 0.13 8.86
CA GLU B 236 22.95 -0.44 10.20
C GLU B 236 21.50 -0.54 10.66
N ALA B 237 20.69 0.49 10.40
CA ALA B 237 19.27 0.46 10.78
C ALA B 237 18.53 -0.66 10.06
N ASP B 238 18.76 -0.82 8.77
CA ASP B 238 18.11 -1.88 8.01
C ASP B 238 18.56 -3.25 8.53
N ARG B 239 19.85 -3.41 8.85
CA ARG B 239 20.32 -4.71 9.33
C ARG B 239 19.72 -5.07 10.68
N ALA B 240 19.57 -4.10 11.58
CA ALA B 240 18.92 -4.37 12.86
C ALA B 240 17.47 -4.76 12.64
N LEU B 241 16.83 -4.20 11.63
CA LEU B 241 15.46 -4.56 11.35
C LEU B 241 15.36 -6.00 10.85
N GLN B 242 16.26 -6.40 9.96
CA GLN B 242 16.20 -7.71 9.33
C GLN B 242 16.90 -8.82 10.11
N SER B 243 17.42 -8.56 11.31
CA SER B 243 18.22 -9.58 11.99
C SER B 243 17.40 -10.81 12.39
N HIS B 244 17.08 -11.63 11.39
CA HIS B 244 16.29 -12.87 11.55
C HIS B 244 16.89 -14.01 10.70
C1 SLB C . 7.19 6.43 -13.32
C2 SLB C . 7.85 7.38 -14.31
C3 SLB C . 8.75 8.33 -13.56
C4 SLB C . 9.24 9.35 -14.51
C5 SLB C . 8.16 10.03 -15.31
C6 SLB C . 7.23 9.07 -16.01
C7 SLB C . 6.05 9.80 -16.59
C8 SLB C . 5.16 8.70 -17.16
C9 SLB C . 3.96 9.37 -17.80
C10 SLB C . 9.10 12.26 -16.16
C11 SLB C . 9.89 12.95 -17.27
N5 SLB C . 8.89 10.84 -16.32
O1A SLB C . 6.25 6.84 -12.60
O1B SLB C . 7.61 5.24 -13.22
O2 SLB C . 8.60 6.71 -15.27
O4 SLB C . 9.99 10.35 -13.76
O6 SLB C . 6.76 8.08 -15.02
O7 SLB C . 5.44 10.58 -15.58
O8 SLB C . 5.81 7.92 -18.14
O9 SLB C . 4.39 10.26 -18.80
O10 SLB C . 8.65 12.88 -15.24
H32 SLB C . 8.25 8.76 -12.85
H31 SLB C . 9.50 7.85 -13.18
H4 SLB C . 9.82 8.91 -15.16
H5 SLB C . 7.58 10.59 -14.75
H6 SLB C . 7.70 8.64 -16.74
H7 SLB C . 6.28 10.44 -17.27
H8 SLB C . 4.91 8.11 -16.43
H92 SLB C . 3.38 8.69 -18.20
H91 SLB C . 3.46 9.86 -17.13
H111 SLB C . 9.96 12.35 -18.03
H113 SLB C . 10.78 13.16 -16.94
H112 SLB C . 9.43 13.76 -17.53
HN5 SLB C . 9.22 10.45 -17.01
HO2 SLB C . 9.02 6.07 -14.89
HO4 SLB C . 10.81 10.28 -13.95
HO7 SLB C . 4.90 10.09 -15.14
HO8 SLB C . 6.46 8.36 -18.47
HO9 SLB C . 4.56 11.01 -18.45
ZN ZN D . 9.33 4.57 -14.62
O1 P4K E . -3.96 -4.17 4.17
C1 P4K E . -3.27 -3.50 3.17
C2 P4K E . -3.32 -4.40 1.93
O2 P4K E . -4.61 -4.89 1.75
C3 P4K E . -4.85 -5.43 0.48
C4 P4K E . -4.59 -4.40 -0.61
O3 P4K E . -5.73 -3.62 -0.82
C5 P4K E . -5.46 -2.32 -1.29
C6 P4K E . -4.83 -2.39 -2.67
O4 P4K E . -4.53 -1.12 -3.20
C7 P4K E . -4.03 -1.21 -4.51
C8 P4K E . -3.48 0.13 -5.02
O5 P4K E . -4.55 0.99 -5.28
C9 P4K E . -5.44 0.62 -6.29
C10 P4K E . -5.26 1.53 -7.50
O6 P4K E . -6.37 1.41 -8.33
C11 P4K E . -7.38 2.33 -8.05
C12 P4K E . -8.47 2.19 -9.11
O7 P4K E . -7.92 2.48 -10.36
C13 P4K E . -8.12 3.79 -10.76
C14 P4K E . -9.59 4.11 -11.03
O8 P4K E . -9.72 5.23 -11.88
C15 P4K E . -8.95 6.36 -11.55
C16 P4K E . -9.67 7.19 -10.49
C17 P4K E . -11.37 6.33 -9.07
C18 P4K E . -11.50 6.52 -7.55
C19 P4K E . -9.47 7.02 -6.35
C20 P4K E . -9.04 5.58 -6.68
C21 P4K E . -7.34 4.39 -5.58
C22 P4K E . -7.64 4.81 -4.15
C23 P4K E . -6.54 3.18 -2.83
C24 P4K E . -5.60 3.18 -1.64
C25 P4K E . -4.62 1.84 0.02
C26 P4K E . -3.18 1.64 -0.47
C27 P4K E . -1.29 0.27 -0.12
C28 P4K E . -0.72 -1.01 0.53
C29 P4K E . 1.01 -0.97 -1.16
C30 P4K E . 2.26 -1.74 -1.61
O10 P4K E . -10.52 7.46 -7.18
O11 P4K E . -7.68 5.43 -6.46
O12 P4K E . -6.54 4.48 -3.36
O13 P4K E . -5.52 1.92 -1.06
O14 P4K E . -2.63 0.52 0.18
O15 P4K E . 0.64 -1.22 0.18
O9 P4K E . -10.01 6.38 -9.40
H1 P4K E . -3.63 -3.97 4.93
H2 P4K E . -2.36 -3.35 3.43
H3 P4K E . -3.70 -2.65 2.97
H4 P4K E . -2.71 -5.14 2.05
H5 P4K E . -3.05 -3.89 1.15
H6 P4K E . -5.77 -5.73 0.42
H7 P4K E . -4.26 -6.19 0.34
H8 P4K E . -3.86 -3.83 -0.33
H9 P4K E . -4.36 -4.85 -1.44
H10 P4K E . -4.85 -1.88 -0.67
H11 P4K E . -6.28 -1.81 -1.33
H12 P4K E . -5.45 -2.84 -3.27
H13 P4K E . -4.01 -2.90 -2.62
H14 P4K E . -3.31 -1.86 -4.53
H15 P4K E . -4.75 -1.50 -5.11
H16 P4K E . -2.92 0.52 -4.35
H17 P4K E . -2.98 -0.02 -5.83
H18 P4K E . -6.35 0.70 -5.97
H19 P4K E . -5.27 -0.30 -6.55
H20 P4K E . -4.45 1.26 -7.98
H21 P4K E . -5.16 2.45 -7.20
H22 P4K E . -7.75 2.15 -7.17
H23 P4K E . -7.02 3.23 -8.07
H24 P4K E . -8.80 1.28 -9.10
H25 P4K E . -9.18 2.81 -8.91
H26 P4K E . -7.79 4.39 -10.06
H27 P4K E . -7.61 3.96 -11.58
H28 P4K E . -10.03 4.30 -10.19
H29 P4K E . -10.00 3.35 -11.45
H30 P4K E . -8.09 6.07 -11.20
H31 P4K E . -8.81 6.90 -12.34
H32 P4K E . -10.48 7.56 -10.87
H33 P4K E . -9.09 7.90 -10.19
H34 P4K E . -11.84 7.03 -9.53
H35 P4K E . -11.74 5.46 -9.31
H36 P4K E . -11.35 5.69 -7.10
H37 P4K E . -12.38 6.86 -7.34
H38 P4K E . -8.71 7.60 -6.46
H39 P4K E . -9.77 7.04 -5.43
H40 P4K E . -9.25 5.40 -7.62
H41 P4K E . -9.53 4.96 -6.12
H42 P4K E . -7.86 3.60 -5.80
H43 P4K E . -6.40 4.19 -5.67
H44 P4K E . -7.78 5.77 -4.12
H45 P4K E . -8.42 4.36 -3.83
H46 P4K E . -6.23 2.55 -3.50
H47 P4K E . -7.44 2.95 -2.54
H48 P4K E . -4.71 3.45 -1.93
H49 P4K E . -5.91 3.82 -0.97
H50 P4K E . -4.87 1.09 0.58
H51 P4K E . -4.68 2.66 0.52
H52 P4K E . -2.66 2.43 -0.24
H53 P4K E . -3.17 1.50 -1.42
H54 P4K E . -0.76 1.02 0.17
H55 P4K E . -1.20 0.18 -1.09
H56 P4K E . -0.79 -0.93 1.49
H57 P4K E . -1.25 -1.77 0.22
H58 P4K E . 1.18 -0.02 -1.25
H59 P4K E . 0.28 -1.23 -1.72
H60 P4K E . 2.38 -1.61 -2.56
H61 P4K E . 3.03 -1.40 -1.14
H62 P4K E . 2.15 -2.68 -1.43
#